data_4I5V
#
_entry.id   4I5V
#
_cell.length_a   203.353
_cell.length_b   52.781
_cell.length_c   70.764
_cell.angle_alpha   90.00
_cell.angle_beta   99.92
_cell.angle_gamma   90.00
#
_symmetry.space_group_name_H-M   'C 1 2 1'
#
loop_
_entity.id
_entity.type
_entity.pdbx_description
1 polymer "5',5'''-P-1,P-4-tetraphosphate phosphorylase 2"
2 non-polymer "BIS(ADENOSINE)-5'-TETRAPHOSPHATE"
3 water water
#
_entity_poly.entity_id   1
_entity_poly.type   'polypeptide(L)'
_entity_poly.pdbx_seq_one_letter_code
;MGHHHHHHMIEENLKQKIHDKFVAAKKNGHLKVTHAESKKLKDPQTTTQYWVTFAPSLALKPDANKNSDSKAEDPFANPD
EELVVTEDLNGDGEYKLLLNKFPVVPEHSLLVTSEFKDQRSALTPSDLMTAYNVLCSLQGDKDDDVTCERYLVFYNCGPH
SGSSQDHKALQIMQMPEKFIPFQDVLCNGKDHFLPTFNAEPLQDDKVSFAHFVLPLPESSDQVDEDLLAMCYVSLMQRAL
TFFQDWTNESPELTKSYNVLLTKKWICVVPRSHAKSGPPLMLNINSTGYCGMILVKDREKLENLTEDPHLVDKSLLQCGF
PNTAGQKPTEYHY
;
_entity_poly.pdbx_strand_id   A,B
#
# COMPACT_ATOMS: atom_id res chain seq x y z
N MET A 9 18.45 7.33 22.76
CA MET A 9 17.88 7.33 21.42
C MET A 9 17.14 6.03 21.13
N ILE A 10 15.94 6.14 20.54
CA ILE A 10 15.12 4.98 20.22
C ILE A 10 15.79 4.06 19.20
N GLU A 11 15.59 2.75 19.35
CA GLU A 11 16.29 1.77 18.53
C GLU A 11 16.07 1.99 17.04
N GLU A 12 17.09 1.66 16.24
CA GLU A 12 16.99 1.78 14.80
C GLU A 12 16.78 0.41 14.16
N ASN A 13 16.57 0.40 12.85
CA ASN A 13 16.17 -0.82 12.14
C ASN A 13 14.93 -1.43 12.78
N LEU A 14 14.09 -0.59 13.37
CA LEU A 14 12.98 -1.06 14.19
C LEU A 14 11.99 -1.92 13.40
N LYS A 15 11.46 -1.37 12.30
CA LYS A 15 10.47 -2.08 11.49
C LYS A 15 10.92 -3.49 11.10
N GLN A 16 12.17 -3.63 10.69
CA GLN A 16 12.71 -4.95 10.36
C GLN A 16 12.67 -5.83 11.60
N LYS A 17 12.98 -5.23 12.76
CA LYS A 17 12.99 -5.93 14.05
C LYS A 17 11.62 -6.50 14.44
N ILE A 18 10.59 -5.66 14.33
CA ILE A 18 9.21 -6.09 14.60
C ILE A 18 8.76 -7.19 13.63
N HIS A 19 8.95 -6.94 12.34
CA HIS A 19 8.58 -7.90 11.32
C HIS A 19 9.28 -9.24 11.56
N ASP A 20 10.60 -9.23 11.65
CA ASP A 20 11.35 -10.46 11.88
C ASP A 20 10.81 -11.18 13.11
N LYS A 21 10.52 -10.38 14.14
CA LYS A 21 10.04 -10.91 15.40
C LYS A 21 8.68 -11.55 15.19
N PHE A 22 7.85 -10.87 14.42
CA PHE A 22 6.48 -11.30 14.18
C PHE A 22 6.36 -12.66 13.49
N VAL A 23 6.94 -12.79 12.30
CA VAL A 23 6.81 -14.04 11.56
C VAL A 23 7.29 -15.17 12.44
N ALA A 24 8.37 -14.91 13.17
CA ALA A 24 8.92 -15.88 14.08
C ALA A 24 7.89 -16.32 15.12
N ALA A 25 7.21 -15.35 15.73
CA ALA A 25 6.23 -15.66 16.78
C ALA A 25 5.01 -16.37 16.20
N LYS A 26 4.59 -15.94 15.01
CA LYS A 26 3.50 -16.57 14.30
C LYS A 26 3.88 -18.00 13.97
N LYS A 27 5.06 -18.14 13.39
CA LYS A 27 5.59 -19.44 13.01
C LYS A 27 5.60 -20.37 14.21
N ASN A 28 5.98 -19.83 15.36
CA ASN A 28 6.23 -20.63 16.56
C ASN A 28 5.02 -20.81 17.49
N GLY A 29 3.88 -20.25 17.11
CA GLY A 29 2.66 -20.47 17.86
C GLY A 29 2.56 -19.68 19.16
N HIS A 30 3.39 -18.66 19.28
CA HIS A 30 3.37 -17.82 20.48
C HIS A 30 2.30 -16.76 20.46
N LEU A 31 1.86 -16.37 19.26
CA LEU A 31 0.75 -15.42 19.09
C LEU A 31 -0.18 -15.89 18.00
N LYS A 32 -1.47 -15.58 18.14
CA LYS A 32 -2.44 -16.01 17.14
C LYS A 32 -3.16 -14.83 16.49
N VAL A 33 -3.03 -14.72 15.18
CA VAL A 33 -3.75 -13.73 14.39
C VAL A 33 -5.23 -14.08 14.35
N THR A 34 -6.08 -13.14 14.77
CA THR A 34 -7.51 -13.37 14.67
C THR A 34 -7.88 -13.30 13.21
N HIS A 35 -8.55 -14.33 12.70
CA HIS A 35 -9.04 -14.29 11.33
C HIS A 35 -10.11 -13.20 11.22
N ALA A 36 -10.04 -12.41 10.15
CA ALA A 36 -11.01 -11.33 9.98
C ALA A 36 -11.19 -10.86 8.54
N GLU A 37 -12.31 -10.20 8.28
CA GLU A 37 -12.61 -9.60 6.98
C GLU A 37 -13.11 -8.17 7.16
N SER A 38 -12.65 -7.29 6.30
CA SER A 38 -12.98 -5.89 6.45
C SER A 38 -13.49 -5.32 5.14
N LYS A 39 -14.44 -4.41 5.21
CA LYS A 39 -14.88 -3.67 4.04
C LYS A 39 -15.08 -2.21 4.40
N LYS A 40 -14.93 -1.32 3.43
CA LYS A 40 -15.25 0.09 3.64
C LYS A 40 -16.76 0.30 3.78
N LEU A 41 -17.14 1.36 4.48
CA LEU A 41 -18.51 1.85 4.46
C LEU A 41 -18.50 3.40 4.57
N LYS A 42 -19.53 4.04 4.03
CA LYS A 42 -19.71 5.47 4.09
C LYS A 42 -21.01 5.75 4.88
N ASP A 43 -20.91 6.56 5.93
CA ASP A 43 -22.10 7.00 6.63
C ASP A 43 -22.85 7.95 5.69
N PRO A 44 -24.06 7.55 5.26
CA PRO A 44 -24.87 8.29 4.29
C PRO A 44 -25.41 9.57 4.88
N GLN A 45 -25.59 9.59 6.19
CA GLN A 45 -26.03 10.77 6.92
C GLN A 45 -24.91 11.81 7.26
N THR A 46 -23.79 11.34 7.81
CA THR A 46 -22.66 12.19 8.22
C THR A 46 -21.43 12.27 7.30
N THR A 47 -21.40 11.47 6.24
CA THR A 47 -20.23 11.34 5.33
C THR A 47 -19.07 10.53 5.87
N THR A 48 -19.05 10.31 7.17
CA THR A 48 -17.91 9.62 7.77
C THR A 48 -17.58 8.26 7.12
N GLN A 49 -16.32 8.04 6.77
CA GLN A 49 -15.88 6.71 6.37
C GLN A 49 -15.70 5.72 7.51
N TYR A 50 -16.14 4.49 7.28
CA TYR A 50 -16.04 3.42 8.26
C TYR A 50 -15.27 2.24 7.69
N TRP A 51 -14.49 1.60 8.54
CA TRP A 51 -13.75 0.43 8.14
C TRP A 51 -14.17 -0.69 9.06
N VAL A 52 -14.91 -1.64 8.51
CA VAL A 52 -15.55 -2.59 9.35
C VAL A 52 -14.89 -3.92 9.28
N THR A 53 -14.57 -4.46 10.45
CA THR A 53 -13.83 -5.70 10.53
C THR A 53 -14.63 -6.75 11.26
N PHE A 54 -14.86 -7.85 10.56
CA PHE A 54 -15.63 -8.96 11.07
C PHE A 54 -14.68 -10.01 11.65
N ALA A 55 -14.83 -10.32 12.93
CA ALA A 55 -13.99 -11.33 13.59
C ALA A 55 -14.85 -12.12 14.56
N PRO A 56 -15.63 -13.08 14.03
CA PRO A 56 -16.53 -13.90 14.86
C PRO A 56 -15.83 -14.84 15.82
N SER A 57 -14.58 -15.21 15.52
CA SER A 57 -13.78 -15.99 16.47
C SER A 57 -13.87 -15.33 17.85
N LEU A 58 -13.83 -14.01 17.85
CA LEU A 58 -13.86 -13.20 19.06
C LEU A 58 -15.14 -13.31 19.90
N ALA A 59 -16.24 -13.70 19.29
CA ALA A 59 -17.49 -13.86 20.02
C ALA A 59 -17.33 -15.01 21.04
N LEU A 60 -16.41 -15.93 20.75
CA LEU A 60 -16.02 -16.97 21.70
C LEU A 60 -15.59 -16.36 23.03
N LYS A 61 -14.77 -15.31 22.95
CA LYS A 61 -14.26 -14.60 24.11
C LYS A 61 -15.37 -13.95 24.95
N PRO A 62 -15.34 -14.17 26.27
CA PRO A 62 -16.31 -13.57 27.20
C PRO A 62 -15.82 -12.24 27.73
N ASP A 74 -1.85 -8.91 35.23
CA ASP A 74 -1.05 -8.14 34.29
C ASP A 74 -0.13 -9.02 33.43
N PRO A 75 -0.54 -9.25 32.17
CA PRO A 75 0.17 -10.05 31.16
C PRO A 75 1.48 -9.41 30.72
N PHE A 76 1.68 -8.14 31.03
CA PHE A 76 2.90 -7.44 30.66
C PHE A 76 3.92 -7.46 31.80
N ALA A 77 3.54 -8.10 32.91
CA ALA A 77 4.42 -8.22 34.07
C ALA A 77 5.74 -8.88 33.68
N ASN A 78 5.68 -10.17 33.40
CA ASN A 78 6.84 -10.90 32.89
C ASN A 78 6.51 -11.51 31.54
N PRO A 79 6.52 -10.66 30.50
CA PRO A 79 6.17 -11.06 29.14
C PRO A 79 7.01 -12.24 28.67
N ASP A 80 6.39 -13.15 27.94
CA ASP A 80 7.11 -14.26 27.33
C ASP A 80 8.21 -13.66 26.47
N GLU A 81 9.40 -14.25 26.51
CA GLU A 81 10.52 -13.63 25.82
C GLU A 81 10.32 -13.57 24.31
N GLU A 82 9.57 -14.53 23.76
CA GLU A 82 9.34 -14.57 22.32
C GLU A 82 8.48 -13.39 21.80
N LEU A 83 7.74 -12.75 22.71
CA LEU A 83 6.88 -11.61 22.33
C LEU A 83 7.59 -10.27 22.48
N VAL A 84 8.81 -10.30 22.99
CA VAL A 84 9.56 -9.08 23.29
C VAL A 84 10.37 -8.67 22.08
N VAL A 85 10.04 -7.52 21.51
CA VAL A 85 10.78 -6.97 20.39
C VAL A 85 12.09 -6.35 20.85
N THR A 86 12.00 -5.52 21.88
CA THR A 86 13.17 -4.87 22.49
C THR A 86 12.97 -4.78 23.99
N GLU A 87 13.99 -5.17 24.75
CA GLU A 87 13.85 -5.22 26.20
C GLU A 87 13.95 -3.82 26.78
N ASP A 88 14.64 -2.95 26.06
CA ASP A 88 14.62 -1.52 26.32
C ASP A 88 14.48 -0.86 24.97
N LEU A 89 14.01 0.38 24.96
CA LEU A 89 13.64 1.04 23.72
C LEU A 89 14.53 2.25 23.50
N ASN A 90 14.49 3.15 24.47
CA ASN A 90 15.43 4.27 24.52
C ASN A 90 16.57 3.98 25.49
N GLY A 91 17.48 4.94 25.63
CA GLY A 91 18.58 4.80 26.57
C GLY A 91 18.07 4.43 27.94
N ASP A 92 17.07 5.15 28.40
CA ASP A 92 16.52 4.94 29.73
C ASP A 92 15.92 3.56 29.81
N GLY A 93 15.75 3.04 31.02
CA GLY A 93 15.15 1.73 31.20
C GLY A 93 13.64 1.79 31.11
N GLU A 94 13.14 2.87 30.49
CA GLU A 94 11.72 3.20 30.49
C GLU A 94 10.77 2.19 29.83
N TYR A 95 11.07 1.80 28.59
CA TYR A 95 10.05 1.13 27.78
C TYR A 95 10.43 -0.24 27.20
N LYS A 96 9.45 -1.13 27.18
CA LYS A 96 9.54 -2.34 26.39
C LYS A 96 8.64 -2.11 25.17
N LEU A 97 9.01 -2.72 24.05
CA LEU A 97 8.10 -2.80 22.90
C LEU A 97 7.69 -4.25 22.71
N LEU A 98 6.39 -4.51 22.78
CA LEU A 98 5.84 -5.86 22.65
C LEU A 98 4.98 -6.08 21.41
N LEU A 99 5.02 -7.30 20.90
CA LEU A 99 4.01 -7.76 19.94
C LEU A 99 2.67 -7.99 20.68
N ASN A 100 1.59 -7.51 20.08
CA ASN A 100 0.27 -7.88 20.56
C ASN A 100 0.11 -9.37 20.37
N LYS A 101 -0.38 -10.05 21.40
CA LYS A 101 -0.44 -11.51 21.39
C LYS A 101 -1.68 -12.02 20.67
N PHE A 102 -2.67 -11.16 20.51
CA PHE A 102 -3.91 -11.52 19.82
C PHE A 102 -4.32 -10.48 18.79
N PRO A 103 -3.47 -10.28 17.76
CA PRO A 103 -3.73 -9.17 16.84
C PRO A 103 -4.83 -9.47 15.82
N VAL A 104 -5.54 -8.44 15.38
CA VAL A 104 -6.35 -8.52 14.17
C VAL A 104 -5.49 -8.09 13.00
N VAL A 105 -5.05 -6.84 13.05
CA VAL A 105 -4.01 -6.33 12.16
C VAL A 105 -2.63 -6.86 12.59
N PRO A 106 -1.95 -7.55 11.66
CA PRO A 106 -0.61 -8.13 11.81
C PRO A 106 0.47 -7.14 12.32
N GLU A 107 1.39 -7.65 13.12
CA GLU A 107 2.51 -6.86 13.63
C GLU A 107 2.10 -5.78 14.66
N HIS A 108 0.81 -5.71 14.96
CA HIS A 108 0.25 -4.81 15.96
C HIS A 108 1.12 -4.92 17.21
N SER A 109 1.57 -3.78 17.73
CA SER A 109 2.57 -3.77 18.81
C SER A 109 2.13 -3.00 20.03
N LEU A 110 2.98 -3.04 21.06
CA LEU A 110 2.65 -2.49 22.36
C LEU A 110 3.81 -1.71 22.96
N LEU A 111 3.58 -0.46 23.30
CA LEU A 111 4.60 0.25 24.04
C LEU A 111 4.18 0.21 25.51
N VAL A 112 4.90 -0.59 26.29
CA VAL A 112 4.55 -0.76 27.71
C VAL A 112 5.67 -0.33 28.66
N THR A 113 5.28 0.43 29.68
CA THR A 113 6.22 0.87 30.72
C THR A 113 6.99 -0.29 31.35
N SER A 114 8.30 -0.12 31.44
CA SER A 114 9.16 -1.10 32.08
C SER A 114 8.59 -1.55 33.42
N GLU A 115 8.13 -0.58 34.22
CA GLU A 115 7.54 -0.89 35.51
C GLU A 115 6.04 -0.65 35.51
N PHE A 116 5.32 -1.36 36.36
CA PHE A 116 3.88 -1.22 36.37
C PHE A 116 3.46 0.23 36.56
N LYS A 117 2.67 0.73 35.62
CA LYS A 117 2.05 2.03 35.73
C LYS A 117 0.62 1.95 35.17
N ASP A 118 -0.31 2.60 35.87
CA ASP A 118 -1.73 2.32 35.69
C ASP A 118 -2.26 2.61 34.28
N GLN A 119 -3.25 1.82 33.88
CA GLN A 119 -3.90 2.01 32.59
C GLN A 119 -4.84 3.20 32.65
N ARG A 120 -5.14 3.66 33.87
CA ARG A 120 -5.92 4.88 34.07
C ARG A 120 -4.98 6.08 34.21
N SER A 121 -3.68 5.81 34.23
CA SER A 121 -2.71 6.89 34.34
C SER A 121 -2.65 7.65 33.03
N ALA A 122 -2.49 8.98 33.11
CA ALA A 122 -2.36 9.80 31.92
C ALA A 122 -0.94 9.69 31.37
N LEU A 123 -0.81 9.93 30.07
CA LEU A 123 0.45 9.74 29.38
C LEU A 123 1.53 10.78 29.73
N THR A 124 2.73 10.32 30.04
CA THR A 124 3.85 11.23 30.29
C THR A 124 4.11 12.01 29.00
N PRO A 125 4.84 13.13 29.11
CA PRO A 125 5.24 13.80 27.87
C PRO A 125 6.18 12.89 27.07
N SER A 126 6.92 12.04 27.76
CA SER A 126 7.82 11.09 27.12
C SER A 126 7.07 9.88 26.57
N ASP A 127 5.96 9.55 27.22
CA ASP A 127 5.01 8.59 26.70
C ASP A 127 4.70 8.97 25.27
N LEU A 128 4.02 10.10 25.13
CA LEU A 128 3.57 10.58 23.84
C LEU A 128 4.73 10.80 22.90
N MET A 129 5.89 11.14 23.46
CA MET A 129 7.02 11.47 22.63
C MET A 129 7.70 10.25 22.07
N THR A 130 7.77 9.20 22.87
CA THR A 130 8.33 7.93 22.42
C THR A 130 7.45 7.33 21.32
N ALA A 131 6.14 7.39 21.52
CA ALA A 131 5.18 6.95 20.53
C ALA A 131 5.48 7.49 19.13
N TYR A 132 5.47 8.83 19.00
CA TYR A 132 5.72 9.49 17.73
C TYR A 132 6.97 8.94 17.03
N ASN A 133 8.04 8.72 17.79
CA ASN A 133 9.27 8.18 17.20
C ASN A 133 9.03 6.79 16.59
N VAL A 134 8.40 5.91 17.36
CA VAL A 134 7.95 4.63 16.82
C VAL A 134 7.18 4.82 15.51
N LEU A 135 6.25 5.77 15.50
CA LEU A 135 5.57 6.08 14.26
C LEU A 135 6.57 6.36 13.17
N CYS A 136 7.54 7.22 13.48
CA CYS A 136 8.48 7.64 12.46
C CYS A 136 9.42 6.54 11.95
N SER A 137 9.87 5.65 12.85
CA SER A 137 10.61 4.46 12.42
C SER A 137 9.85 3.76 11.32
N LEU A 138 8.53 3.71 11.49
CA LEU A 138 7.66 2.88 10.70
C LEU A 138 7.27 3.45 9.34
N GLN A 139 6.97 4.75 9.29
CA GLN A 139 6.80 5.41 8.01
C GLN A 139 7.95 6.38 7.75
N GLY A 140 8.78 6.04 6.77
CA GLY A 140 9.91 6.89 6.41
C GLY A 140 9.46 8.11 5.63
N ASP A 141 8.15 8.35 5.66
CA ASP A 141 7.51 9.45 4.95
C ASP A 141 7.71 9.39 3.44
N LYS A 142 8.36 10.42 2.93
CA LYS A 142 8.64 10.59 1.53
C LYS A 142 7.37 10.99 0.80
N ASP A 143 6.22 10.66 1.38
CA ASP A 143 4.96 11.30 1.04
C ASP A 143 3.72 10.64 1.62
N ASP A 144 2.64 11.41 1.64
CA ASP A 144 1.31 10.88 1.82
C ASP A 144 0.89 10.37 0.46
N ASP A 145 1.47 10.97 -0.58
CA ASP A 145 1.18 10.60 -1.97
C ASP A 145 2.16 9.61 -2.62
N VAL A 146 3.06 9.04 -1.83
CA VAL A 146 3.97 7.99 -2.29
C VAL A 146 3.51 6.57 -1.90
N THR A 147 3.33 6.35 -0.60
CA THR A 147 3.03 5.04 -0.02
C THR A 147 1.61 5.01 0.56
N CYS A 148 1.08 3.81 0.71
CA CYS A 148 -0.17 3.61 1.42
C CYS A 148 0.06 3.09 2.86
N GLU A 149 1.33 2.84 3.19
CA GLU A 149 1.69 2.49 4.56
C GLU A 149 1.39 3.62 5.54
N ARG A 150 0.87 3.25 6.70
CA ARG A 150 0.41 4.23 7.65
C ARG A 150 0.02 3.53 8.94
N TYR A 151 0.04 4.28 10.05
CA TYR A 151 0.03 3.68 11.37
C TYR A 151 -0.72 4.51 12.38
N LEU A 152 -1.43 3.83 13.25
CA LEU A 152 -2.17 4.49 14.30
C LEU A 152 -1.55 4.17 15.65
N VAL A 153 -1.43 5.18 16.50
CA VAL A 153 -1.07 4.96 17.89
C VAL A 153 -2.27 5.25 18.76
N PHE A 154 -2.59 4.34 19.65
CA PHE A 154 -3.75 4.58 20.49
C PHE A 154 -3.64 4.05 21.91
N TYR A 155 -4.42 4.65 22.79
CA TYR A 155 -4.30 4.41 24.21
C TYR A 155 -5.70 4.33 24.76
N ASN A 156 -6.05 3.20 25.36
CA ASN A 156 -7.41 3.02 25.89
C ASN A 156 -7.38 3.23 27.40
N CYS A 157 -7.91 4.36 27.85
CA CYS A 157 -7.71 4.76 29.23
C CYS A 157 -8.97 4.79 30.08
N GLY A 158 -9.05 3.85 31.04
CA GLY A 158 -10.16 3.83 31.96
C GLY A 158 -11.20 2.80 31.61
N PRO A 159 -12.05 2.45 32.58
CA PRO A 159 -13.02 1.34 32.46
C PRO A 159 -13.92 1.44 31.21
N HIS A 160 -14.27 2.66 30.84
CA HIS A 160 -15.18 2.88 29.73
C HIS A 160 -14.48 2.91 28.37
N SER A 161 -13.16 2.91 28.34
CA SER A 161 -12.44 3.23 27.09
C SER A 161 -12.28 2.05 26.15
N GLY A 162 -12.66 0.86 26.63
CA GLY A 162 -12.38 -0.36 25.91
C GLY A 162 -11.23 -1.15 26.55
N SER A 163 -10.54 -0.51 27.50
CA SER A 163 -9.43 -1.17 28.19
C SER A 163 -9.98 -2.41 28.85
N SER A 164 -9.38 -3.57 28.54
CA SER A 164 -9.62 -4.80 29.27
C SER A 164 -8.47 -5.09 30.22
N GLN A 165 -7.49 -4.19 30.23
CA GLN A 165 -6.17 -4.41 30.83
C GLN A 165 -5.82 -3.25 31.75
N ASP A 166 -5.16 -3.51 32.87
CA ASP A 166 -4.77 -2.40 33.75
C ASP A 166 -3.35 -1.78 33.69
N HIS A 167 -2.42 -2.43 32.99
CA HIS A 167 -1.06 -1.86 32.86
C HIS A 167 -0.98 -0.90 31.66
N LYS A 168 -0.27 0.22 31.83
CA LYS A 168 -0.21 1.21 30.75
C LYS A 168 0.39 0.61 29.51
N ALA A 169 -0.36 0.69 28.41
CA ALA A 169 0.08 0.20 27.10
C ALA A 169 -0.34 1.12 25.94
N LEU A 170 0.62 1.62 25.18
CA LEU A 170 0.30 2.36 23.96
C LEU A 170 0.36 1.39 22.81
N GLN A 171 -0.64 1.45 21.94
CA GLN A 171 -0.74 0.48 20.87
C GLN A 171 -0.43 1.08 19.51
N ILE A 172 0.35 0.34 18.73
CA ILE A 172 0.82 0.79 17.43
C ILE A 172 0.48 -0.27 16.34
N MET A 173 -0.31 0.12 15.36
CA MET A 173 -0.84 -0.85 14.41
C MET A 173 -1.07 -0.23 13.05
N GLN A 174 -0.88 -1.03 12.02
CA GLN A 174 -1.07 -0.50 10.67
C GLN A 174 -2.53 -0.16 10.45
N MET A 175 -2.76 1.00 9.84
CA MET A 175 -4.07 1.41 9.37
C MET A 175 -4.30 0.88 7.96
N PRO A 176 -5.56 0.91 7.49
CA PRO A 176 -5.76 0.25 6.20
C PRO A 176 -5.27 1.13 5.05
N GLU A 177 -4.99 0.50 3.92
CA GLU A 177 -4.35 1.17 2.80
C GLU A 177 -5.18 2.23 2.08
N LYS A 178 -6.43 1.92 1.77
CA LYS A 178 -7.24 2.98 1.22
C LYS A 178 -8.36 3.20 2.18
N PHE A 179 -8.15 4.11 3.11
CA PHE A 179 -9.17 4.45 4.08
C PHE A 179 -8.85 5.85 4.54
N ILE A 180 -9.88 6.66 4.70
CA ILE A 180 -9.68 8.04 5.04
C ILE A 180 -10.53 8.41 6.25
N PRO A 181 -9.94 8.28 7.43
CA PRO A 181 -10.66 8.51 8.67
C PRO A 181 -11.06 9.97 8.70
N PHE A 182 -12.14 10.32 9.39
CA PHE A 182 -12.67 11.67 9.27
C PHE A 182 -11.66 12.71 9.73
N GLN A 183 -10.84 12.35 10.72
CA GLN A 183 -9.82 13.24 11.22
C GLN A 183 -9.00 13.84 10.07
N ASP A 184 -8.61 12.99 9.11
CA ASP A 184 -7.85 13.48 7.97
C ASP A 184 -8.55 14.68 7.31
N VAL A 185 -9.81 14.49 6.96
CA VAL A 185 -10.50 15.54 6.20
C VAL A 185 -10.66 16.76 7.08
N LEU A 186 -10.81 16.53 8.38
CA LEU A 186 -10.87 17.62 9.35
C LEU A 186 -9.62 18.50 9.28
N CYS A 187 -8.45 17.88 9.30
CA CYS A 187 -7.18 18.59 9.39
C CYS A 187 -6.68 19.04 8.03
N ASN A 188 -7.39 18.66 6.97
CA ASN A 188 -6.98 19.09 5.65
C ASN A 188 -6.93 20.61 5.52
N GLY A 189 -5.86 21.11 4.90
CA GLY A 189 -5.51 22.51 5.04
C GLY A 189 -5.00 22.66 6.45
N LYS A 190 -5.60 23.57 7.22
CA LYS A 190 -5.51 23.51 8.68
C LYS A 190 -4.10 23.31 9.31
N ASP A 191 -3.29 24.37 9.31
CA ASP A 191 -1.97 24.33 9.94
C ASP A 191 -1.98 23.91 11.40
N HIS A 192 -0.93 23.20 11.82
CA HIS A 192 -0.81 22.79 13.21
C HIS A 192 -0.85 24.01 14.11
N PHE A 193 -1.45 23.83 15.28
CA PHE A 193 -1.59 24.92 16.24
C PHE A 193 -1.98 24.35 17.58
N LEU A 194 -2.26 25.24 18.53
CA LEU A 194 -2.75 24.87 19.85
C LEU A 194 -3.85 25.85 20.23
N PRO A 195 -4.91 25.37 20.89
CA PRO A 195 -6.05 26.24 21.23
C PRO A 195 -5.66 27.34 22.23
N THR A 196 -6.04 28.58 21.92
CA THR A 196 -5.86 29.71 22.84
C THR A 196 -7.15 30.51 22.93
N PHE A 197 -7.50 31.13 21.79
CA PHE A 197 -8.72 31.93 21.67
C PHE A 197 -9.63 31.67 20.46
N ASN A 198 -9.09 31.80 19.25
CA ASN A 198 -9.92 31.76 18.04
C ASN A 198 -10.49 30.38 17.73
N ALA A 199 -9.62 29.44 17.35
CA ALA A 199 -10.05 28.08 17.09
C ALA A 199 -9.53 27.14 18.17
N GLU A 200 -10.44 26.41 18.80
CA GLU A 200 -10.08 25.39 19.77
C GLU A 200 -9.52 24.20 19.00
N PRO A 201 -9.29 23.07 19.69
CA PRO A 201 -8.91 21.94 18.85
C PRO A 201 -10.06 21.69 17.90
N LEU A 202 -9.73 21.22 16.71
CA LEU A 202 -10.71 20.95 15.67
C LEU A 202 -11.77 19.97 16.12
N GLN A 203 -13.01 20.23 15.75
CA GLN A 203 -14.06 19.24 15.93
C GLN A 203 -15.04 19.18 14.74
N ASP A 204 -15.23 17.98 14.19
CA ASP A 204 -16.16 17.77 13.09
C ASP A 204 -17.60 17.84 13.60
N ASP A 205 -18.37 18.76 13.05
CA ASP A 205 -19.70 19.02 13.57
C ASP A 205 -20.73 18.07 12.99
N LYS A 206 -20.37 17.39 11.91
CA LYS A 206 -21.30 16.43 11.29
C LYS A 206 -21.54 15.18 12.15
N VAL A 207 -20.51 14.68 12.83
CA VAL A 207 -20.70 13.47 13.62
C VAL A 207 -21.39 13.79 14.96
N SER A 208 -21.75 12.74 15.69
CA SER A 208 -22.60 12.85 16.86
C SER A 208 -21.89 12.91 18.20
N PHE A 209 -20.60 12.60 18.20
CA PHE A 209 -19.87 12.35 19.42
C PHE A 209 -18.80 13.42 19.62
N ALA A 210 -18.56 13.77 20.88
CA ALA A 210 -17.53 14.75 21.22
C ALA A 210 -16.18 14.11 21.02
N HIS A 211 -15.25 14.85 20.43
CA HIS A 211 -13.92 14.35 20.13
C HIS A 211 -13.08 15.61 19.93
N PHE A 212 -11.74 15.53 20.07
CA PHE A 212 -10.87 16.73 19.97
C PHE A 212 -9.55 16.47 19.25
N VAL A 213 -9.28 17.30 18.25
CA VAL A 213 -8.22 16.98 17.32
C VAL A 213 -7.32 18.18 17.09
N LEU A 214 -6.04 17.93 16.89
CA LEU A 214 -5.17 18.98 16.37
C LEU A 214 -4.22 18.40 15.38
N PRO A 215 -3.96 19.17 14.31
CA PRO A 215 -3.01 18.79 13.26
C PRO A 215 -1.61 18.82 13.85
N LEU A 216 -0.65 18.23 13.17
CA LEU A 216 0.72 18.31 13.61
C LEU A 216 1.59 18.87 12.48
N PRO A 217 2.80 19.33 12.81
CA PRO A 217 3.73 19.83 11.80
C PRO A 217 3.94 18.78 10.73
N GLU A 218 4.01 19.19 9.47
CA GLU A 218 4.21 18.24 8.39
C GLU A 218 5.56 17.58 8.56
N SER A 219 6.49 18.31 9.15
CA SER A 219 7.81 17.76 9.38
C SER A 219 7.99 17.32 10.83
N SER A 220 8.42 16.09 11.01
CA SER A 220 8.75 15.61 12.32
C SER A 220 9.89 16.46 12.88
N ASP A 221 10.64 17.12 12.00
CA ASP A 221 11.75 17.97 12.43
C ASP A 221 11.24 18.88 13.54
N GLN A 222 9.97 19.26 13.41
CA GLN A 222 9.33 20.22 14.30
C GLN A 222 8.62 19.58 15.48
N VAL A 223 8.75 18.27 15.62
CA VAL A 223 8.02 17.57 16.67
C VAL A 223 8.91 17.12 17.81
N ASP A 224 8.74 17.74 18.98
CA ASP A 224 9.54 17.42 20.16
C ASP A 224 8.63 17.05 21.33
N GLU A 225 9.21 16.44 22.36
CA GLU A 225 8.44 15.97 23.50
C GLU A 225 7.60 17.08 24.10
N ASP A 226 7.97 18.32 23.80
CA ASP A 226 7.27 19.49 24.32
C ASP A 226 5.93 19.74 23.65
N LEU A 227 5.91 19.70 22.32
CA LEU A 227 4.70 19.96 21.56
C LEU A 227 3.61 18.87 21.75
N LEU A 228 4.00 17.61 21.56
CA LEU A 228 3.08 16.52 21.87
C LEU A 228 2.48 16.76 23.25
N ALA A 229 3.33 17.10 24.21
CA ALA A 229 2.92 17.24 25.61
C ALA A 229 1.83 18.28 25.74
N MET A 230 2.05 19.43 25.12
CA MET A 230 1.11 20.53 25.18
C MET A 230 -0.18 20.20 24.45
N CYS A 231 -0.06 19.63 23.25
CA CYS A 231 -1.24 19.19 22.48
C CYS A 231 -2.11 18.29 23.35
N TYR A 232 -1.50 17.24 23.89
CA TYR A 232 -2.24 16.28 24.70
C TYR A 232 -2.99 16.99 25.81
N VAL A 233 -2.26 17.75 26.60
CA VAL A 233 -2.83 18.33 27.81
C VAL A 233 -4.07 19.16 27.51
N SER A 234 -3.97 20.00 26.49
CA SER A 234 -5.08 20.86 26.08
C SER A 234 -6.29 20.07 25.56
N LEU A 235 -6.03 19.09 24.71
CA LEU A 235 -7.08 18.18 24.28
C LEU A 235 -7.73 17.58 25.52
N MET A 236 -6.89 17.10 26.43
CA MET A 236 -7.36 16.44 27.65
C MET A 236 -8.14 17.40 28.52
N GLN A 237 -7.96 18.70 28.28
CA GLN A 237 -8.62 19.69 29.09
C GLN A 237 -10.07 19.71 28.65
N ARG A 238 -10.29 19.80 27.34
CA ARG A 238 -11.63 19.87 26.79
C ARG A 238 -12.40 18.58 26.99
N ALA A 239 -11.72 17.45 26.82
CA ALA A 239 -12.35 16.16 27.02
C ALA A 239 -12.65 15.84 28.48
N LEU A 240 -12.03 16.56 29.40
CA LEU A 240 -12.20 16.29 30.82
C LEU A 240 -13.50 16.88 31.37
N THR A 241 -13.94 17.97 30.76
CA THR A 241 -15.16 18.69 31.16
C THR A 241 -16.40 17.81 31.10
N PHE A 242 -16.28 16.66 30.44
CA PHE A 242 -17.41 15.77 30.26
C PHE A 242 -17.64 14.97 31.53
N PHE A 243 -16.80 15.23 32.53
CA PHE A 243 -16.97 14.66 33.85
C PHE A 243 -17.07 15.82 34.81
N GLN A 244 -15.98 16.61 34.85
CA GLN A 244 -15.91 17.86 35.62
C GLN A 244 -16.98 18.86 35.20
N THR A 254 -17.47 7.98 35.78
CA THR A 254 -16.05 8.03 36.13
C THR A 254 -15.18 8.34 34.90
N LYS A 255 -13.86 8.42 35.09
CA LYS A 255 -12.96 9.02 34.09
C LYS A 255 -12.35 8.05 33.07
N SER A 256 -12.77 8.18 31.82
CA SER A 256 -12.29 7.33 30.74
C SER A 256 -12.21 8.10 29.43
N TYR A 257 -11.20 7.83 28.62
CA TYR A 257 -11.03 8.48 27.33
C TYR A 257 -10.19 7.65 26.37
N ASN A 258 -10.23 7.99 25.09
CA ASN A 258 -9.40 7.33 24.10
C ASN A 258 -8.38 8.33 23.57
N VAL A 259 -7.18 7.85 23.27
CA VAL A 259 -6.20 8.71 22.61
C VAL A 259 -5.72 8.14 21.30
N LEU A 260 -5.81 8.97 20.26
CA LEU A 260 -5.41 8.55 18.93
C LEU A 260 -4.37 9.48 18.38
N LEU A 261 -3.35 8.88 17.80
CA LEU A 261 -2.21 9.60 17.31
C LEU A 261 -1.79 9.11 15.96
N THR A 262 -1.59 10.04 15.04
CA THR A 262 -0.96 9.71 13.77
C THR A 262 0.03 10.81 13.48
N LYS A 263 0.87 10.61 12.46
CA LYS A 263 1.84 11.62 12.05
C LYS A 263 1.11 12.91 11.71
N LYS A 264 -0.08 12.77 11.15
CA LYS A 264 -0.82 13.94 10.68
C LYS A 264 -1.55 14.69 11.79
N TRP A 265 -2.01 13.96 12.80
CA TRP A 265 -2.80 14.62 13.84
C TRP A 265 -2.82 13.85 15.15
N ILE A 266 -3.45 14.48 16.14
CA ILE A 266 -3.68 13.85 17.41
C ILE A 266 -5.10 14.13 17.90
N CYS A 267 -5.71 13.11 18.51
CA CYS A 267 -7.11 13.15 18.91
C CYS A 267 -7.38 12.62 20.33
N VAL A 268 -8.36 13.21 20.99
CA VAL A 268 -8.77 12.73 22.29
C VAL A 268 -10.27 12.68 22.36
N VAL A 269 -10.79 11.54 22.79
CA VAL A 269 -12.23 11.33 22.81
C VAL A 269 -12.72 11.01 24.19
N PRO A 270 -13.51 11.92 24.77
CA PRO A 270 -14.09 11.63 26.09
C PRO A 270 -14.97 10.42 25.95
N ARG A 271 -15.03 9.53 26.95
CA ARG A 271 -15.76 8.28 26.80
C ARG A 271 -16.64 7.86 27.99
N SER A 272 -17.86 7.41 27.66
CA SER A 272 -18.94 7.16 28.63
C SER A 272 -19.15 5.68 28.88
N HIS A 273 -19.43 4.93 27.83
CA HIS A 273 -19.51 3.48 27.98
C HIS A 273 -18.54 2.74 27.06
N ALA A 274 -18.04 1.60 27.54
CA ALA A 274 -17.21 0.74 26.74
C ALA A 274 -18.00 0.01 25.62
N LYS A 275 -19.31 -0.11 25.82
CA LYS A 275 -20.18 -0.96 25.02
C LYS A 275 -21.48 -0.22 24.66
N SER A 276 -21.77 -0.16 23.36
CA SER A 276 -22.90 0.62 22.87
C SER A 276 -24.25 0.08 23.32
N GLY A 277 -25.27 0.90 23.19
CA GLY A 277 -26.61 0.48 23.48
C GLY A 277 -27.23 -0.43 22.42
N PRO A 278 -28.56 -0.54 22.48
CA PRO A 278 -29.45 -1.60 21.99
C PRO A 278 -29.25 -2.04 20.55
N PRO A 279 -29.15 -1.09 19.60
CA PRO A 279 -29.19 -1.53 18.21
C PRO A 279 -28.10 -2.57 17.87
N LEU A 280 -26.90 -2.37 18.39
CA LEU A 280 -25.72 -3.16 18.05
C LEU A 280 -25.04 -3.73 19.29
N MET A 281 -24.72 -2.85 20.23
CA MET A 281 -23.99 -3.24 21.43
C MET A 281 -22.61 -3.72 21.08
N LEU A 282 -21.82 -2.81 20.52
CA LEU A 282 -20.47 -3.10 20.08
C LEU A 282 -19.51 -2.72 21.18
N ASN A 283 -18.51 -3.56 21.38
CA ASN A 283 -17.40 -3.18 22.20
C ASN A 283 -16.53 -2.33 21.31
N ILE A 284 -16.35 -1.08 21.70
CA ILE A 284 -15.56 -0.12 20.94
C ILE A 284 -14.41 0.45 21.77
N ASN A 285 -13.20 0.26 21.27
CA ASN A 285 -12.01 0.88 21.82
C ASN A 285 -11.57 2.07 20.96
N SER A 286 -10.33 2.53 21.16
CA SER A 286 -9.77 3.67 20.43
C SER A 286 -10.05 3.68 18.93
N THR A 287 -9.99 2.51 18.28
CA THR A 287 -10.08 2.41 16.83
C THR A 287 -11.42 2.91 16.32
N GLY A 288 -12.47 2.62 17.08
CA GLY A 288 -13.78 3.02 16.67
C GLY A 288 -13.83 4.46 16.25
N TYR A 289 -13.11 5.30 16.99
CA TYR A 289 -13.26 6.75 16.91
C TYR A 289 -12.51 7.43 15.77
N CYS A 290 -11.69 6.66 15.05
CA CYS A 290 -11.33 7.05 13.68
C CYS A 290 -12.15 6.27 12.60
N GLY A 291 -13.12 5.47 13.05
CA GLY A 291 -14.01 4.76 12.15
C GLY A 291 -13.72 3.29 11.88
N MET A 292 -12.89 2.67 12.70
CA MET A 292 -12.54 1.29 12.48
C MET A 292 -13.22 0.42 13.49
N ILE A 293 -14.22 -0.31 13.04
CA ILE A 293 -15.11 -1.05 13.93
C ILE A 293 -14.85 -2.55 13.86
N LEU A 294 -14.55 -3.13 15.00
CA LEU A 294 -14.41 -4.59 15.07
C LEU A 294 -15.74 -5.23 15.44
N VAL A 295 -16.32 -6.00 14.50
CA VAL A 295 -17.57 -6.71 14.70
C VAL A 295 -17.32 -8.20 14.81
N LYS A 296 -17.89 -8.80 15.85
CA LYS A 296 -17.72 -10.23 16.12
C LYS A 296 -18.95 -11.09 15.75
N ASP A 297 -20.00 -10.44 15.28
CA ASP A 297 -21.31 -11.10 15.10
C ASP A 297 -21.90 -10.72 13.76
N ARG A 298 -22.34 -11.75 13.02
CA ARG A 298 -22.80 -11.60 11.63
C ARG A 298 -24.01 -10.71 11.49
N GLU A 299 -25.02 -10.96 12.31
CA GLU A 299 -26.23 -10.19 12.24
C GLU A 299 -25.88 -8.72 12.35
N LYS A 300 -25.11 -8.37 13.38
CA LYS A 300 -24.73 -6.98 13.58
C LYS A 300 -24.03 -6.43 12.35
N LEU A 301 -23.07 -7.17 11.83
CA LEU A 301 -22.40 -6.81 10.60
C LEU A 301 -23.47 -6.42 9.56
N GLU A 302 -24.31 -7.39 9.23
CA GLU A 302 -25.39 -7.18 8.28
C GLU A 302 -26.25 -5.96 8.62
N ASN A 303 -26.60 -5.77 9.90
CA ASN A 303 -27.25 -4.52 10.29
C ASN A 303 -26.43 -3.26 9.93
N LEU A 304 -25.15 -3.23 10.29
CA LEU A 304 -24.29 -2.09 9.99
C LEU A 304 -24.28 -1.83 8.51
N THR A 305 -24.16 -2.91 7.75
CA THR A 305 -23.96 -2.80 6.33
C THR A 305 -25.21 -2.23 5.70
N GLU A 306 -26.35 -2.65 6.23
CA GLU A 306 -27.63 -2.15 5.74
C GLU A 306 -27.78 -0.66 6.05
N ASP A 307 -27.42 -0.27 7.28
CA ASP A 307 -27.59 1.09 7.79
C ASP A 307 -26.34 1.61 8.51
N PRO A 308 -25.31 2.04 7.76
CA PRO A 308 -24.04 2.44 8.41
C PRO A 308 -24.15 3.57 9.46
N HIS A 309 -25.21 4.37 9.40
CA HIS A 309 -25.35 5.45 10.36
C HIS A 309 -25.43 4.96 11.80
N LEU A 310 -25.68 3.68 11.98
CA LEU A 310 -25.86 3.15 13.30
C LEU A 310 -24.53 3.16 14.00
N VAL A 311 -23.46 3.04 13.23
CA VAL A 311 -22.13 3.16 13.79
C VAL A 311 -21.99 4.52 14.48
N ASP A 312 -22.32 5.58 13.76
CA ASP A 312 -22.33 6.90 14.33
C ASP A 312 -23.16 6.98 15.63
N LYS A 313 -24.27 6.27 15.69
CA LYS A 313 -25.14 6.31 16.88
C LYS A 313 -24.51 5.52 18.01
N SER A 314 -23.74 4.53 17.64
CA SER A 314 -23.07 3.70 18.63
C SER A 314 -21.97 4.54 19.22
N LEU A 315 -21.26 5.25 18.36
CA LEU A 315 -20.19 6.12 18.81
C LEU A 315 -20.73 7.16 19.78
N LEU A 316 -21.96 7.57 19.58
CA LEU A 316 -22.57 8.47 20.55
C LEU A 316 -22.75 7.74 21.85
N GLN A 317 -23.26 6.51 21.75
CA GLN A 317 -23.60 5.75 22.94
C GLN A 317 -22.39 5.44 23.83
N CYS A 318 -21.26 5.17 23.19
CA CYS A 318 -20.03 4.90 23.93
C CYS A 318 -19.31 6.17 24.35
N GLY A 319 -19.69 7.28 23.72
CA GLY A 319 -19.07 8.59 23.90
C GLY A 319 -19.91 9.63 24.64
N PHE A 320 -19.72 10.89 24.25
CA PHE A 320 -20.55 12.01 24.70
C PHE A 320 -21.00 12.91 23.53
N PRO A 321 -22.15 13.60 23.68
CA PRO A 321 -22.66 14.36 22.55
C PRO A 321 -21.61 15.27 21.89
N ASN A 322 -21.64 15.38 20.56
CA ASN A 322 -20.70 16.21 19.84
C ASN A 322 -20.96 17.62 20.23
N THR A 323 -19.92 18.31 20.65
CA THR A 323 -20.08 19.66 21.14
C THR A 323 -19.79 20.76 20.11
N ALA A 324 -19.21 20.39 18.97
CA ALA A 324 -18.74 21.38 17.99
C ALA A 324 -19.62 22.63 17.89
N MET B 9 -0.37 -27.70 -12.76
CA MET B 9 -0.97 -26.39 -12.55
C MET B 9 0.04 -25.41 -11.94
N ILE B 10 -0.31 -24.13 -11.95
CA ILE B 10 0.51 -23.08 -11.35
C ILE B 10 0.58 -23.29 -9.83
N GLU B 11 1.79 -23.35 -9.29
CA GLU B 11 1.93 -23.60 -7.86
C GLU B 11 1.65 -22.38 -7.00
N GLU B 12 0.72 -22.52 -6.06
CA GLU B 12 0.35 -21.40 -5.20
C GLU B 12 1.38 -21.16 -4.11
N ASN B 13 1.09 -20.21 -3.23
CA ASN B 13 2.07 -19.71 -2.28
C ASN B 13 3.18 -19.02 -3.07
N LEU B 14 2.85 -18.61 -4.29
CA LEU B 14 3.85 -18.08 -5.21
C LEU B 14 4.35 -16.73 -4.77
N LYS B 15 3.44 -15.90 -4.27
CA LYS B 15 3.81 -14.59 -3.76
C LYS B 15 4.80 -14.80 -2.63
N GLN B 16 4.50 -15.79 -1.80
CA GLN B 16 5.37 -16.18 -0.70
C GLN B 16 6.71 -16.70 -1.21
N LYS B 17 6.68 -17.68 -2.09
CA LYS B 17 7.90 -18.25 -2.65
C LYS B 17 8.77 -17.13 -3.23
N ILE B 18 8.15 -16.26 -4.02
CA ILE B 18 8.85 -15.14 -4.60
C ILE B 18 9.46 -14.30 -3.49
N HIS B 19 8.62 -13.88 -2.56
CA HIS B 19 9.11 -13.13 -1.42
C HIS B 19 10.25 -13.84 -0.69
N ASP B 20 10.01 -15.08 -0.27
CA ASP B 20 11.03 -15.88 0.41
C ASP B 20 12.30 -15.91 -0.41
N LYS B 21 12.18 -16.33 -1.66
CA LYS B 21 13.34 -16.56 -2.52
C LYS B 21 14.12 -15.27 -2.73
N PHE B 22 13.41 -14.14 -2.73
CA PHE B 22 14.05 -12.85 -2.97
C PHE B 22 14.93 -12.34 -1.82
N VAL B 23 14.36 -12.25 -0.62
CA VAL B 23 15.10 -11.77 0.54
C VAL B 23 16.41 -12.54 0.66
N ALA B 24 16.33 -13.84 0.44
CA ALA B 24 17.50 -14.70 0.36
C ALA B 24 18.57 -14.10 -0.56
N ALA B 25 18.25 -14.00 -1.85
CA ALA B 25 19.20 -13.52 -2.83
C ALA B 25 19.75 -12.14 -2.46
N LYS B 26 18.90 -11.30 -1.89
CA LYS B 26 19.33 -9.95 -1.54
C LYS B 26 20.28 -9.97 -0.36
N LYS B 27 20.12 -10.97 0.50
CA LYS B 27 20.96 -11.13 1.68
C LYS B 27 22.36 -11.62 1.28
N ASN B 28 22.40 -12.62 0.41
CA ASN B 28 23.67 -13.25 0.03
C ASN B 28 24.50 -12.45 -0.97
N GLY B 29 23.82 -11.68 -1.83
CA GLY B 29 24.51 -10.97 -2.89
C GLY B 29 24.38 -11.64 -4.24
N HIS B 30 23.44 -12.58 -4.34
CA HIS B 30 23.18 -13.26 -5.61
C HIS B 30 22.41 -12.36 -6.56
N LEU B 31 21.76 -11.35 -6.01
CA LEU B 31 21.18 -10.27 -6.82
C LEU B 31 21.43 -8.93 -6.14
N LYS B 32 21.54 -7.86 -6.94
CA LYS B 32 21.68 -6.52 -6.39
C LYS B 32 20.51 -5.59 -6.72
N VAL B 33 19.65 -5.33 -5.73
CA VAL B 33 18.62 -4.31 -5.88
C VAL B 33 19.30 -3.00 -6.23
N THR B 34 18.92 -2.40 -7.35
CA THR B 34 19.47 -1.10 -7.69
C THR B 34 18.83 -0.04 -6.82
N HIS B 35 19.66 0.88 -6.34
CA HIS B 35 19.23 1.93 -5.44
C HIS B 35 18.66 3.02 -6.32
N ALA B 36 17.52 3.59 -5.93
CA ALA B 36 16.99 4.75 -6.64
C ALA B 36 15.92 5.46 -5.86
N GLU B 37 15.38 6.52 -6.45
CA GLU B 37 14.35 7.32 -5.81
C GLU B 37 13.38 7.92 -6.86
N SER B 38 12.10 7.94 -6.54
CA SER B 38 11.08 8.22 -7.54
C SER B 38 10.16 9.36 -7.15
N LYS B 39 9.53 9.98 -8.14
CA LYS B 39 8.50 10.97 -7.87
C LYS B 39 7.52 11.14 -9.03
N LYS B 40 6.29 11.52 -8.70
CA LYS B 40 5.27 11.82 -9.69
C LYS B 40 5.61 13.05 -10.51
N LEU B 41 5.24 13.01 -11.79
CA LEU B 41 5.22 14.19 -12.65
C LEU B 41 3.96 14.14 -13.49
N LYS B 42 3.44 15.33 -13.82
CA LYS B 42 2.26 15.41 -14.63
C LYS B 42 2.63 16.11 -15.90
N ASP B 43 2.29 15.51 -17.04
CA ASP B 43 2.56 16.16 -18.31
C ASP B 43 1.75 17.45 -18.34
N PRO B 44 2.45 18.59 -18.43
CA PRO B 44 1.74 19.87 -18.44
C PRO B 44 0.71 19.93 -19.56
N GLN B 45 1.11 19.52 -20.76
CA GLN B 45 0.21 19.54 -21.93
C GLN B 45 -0.81 18.39 -21.91
N THR B 46 -0.35 17.14 -21.96
CA THR B 46 -1.24 16.00 -22.11
C THR B 46 -2.01 15.58 -20.85
N THR B 47 -1.57 16.04 -19.68
CA THR B 47 -2.14 15.62 -18.40
C THR B 47 -1.75 14.19 -18.04
N THR B 48 -0.99 13.54 -18.91
CA THR B 48 -0.54 12.18 -18.64
C THR B 48 0.33 12.14 -17.38
N GLN B 49 -0.07 11.29 -16.44
CA GLN B 49 0.65 11.07 -15.18
C GLN B 49 1.96 10.29 -15.36
N TYR B 50 3.06 10.81 -14.83
CA TYR B 50 4.36 10.12 -14.95
C TYR B 50 4.88 9.60 -13.61
N TRP B 51 5.73 8.58 -13.66
CA TRP B 51 6.47 8.14 -12.49
C TRP B 51 7.95 8.03 -12.86
N VAL B 52 8.75 8.95 -12.34
CA VAL B 52 10.12 9.08 -12.76
C VAL B 52 11.03 8.54 -11.70
N THR B 53 11.92 7.65 -12.12
CA THR B 53 12.79 6.98 -11.18
C THR B 53 14.24 7.28 -11.49
N PHE B 54 14.94 7.79 -10.49
CA PHE B 54 16.31 8.21 -10.63
C PHE B 54 17.22 7.16 -10.02
N ALA B 55 18.03 6.54 -10.87
CA ALA B 55 18.94 5.49 -10.41
C ALA B 55 20.30 5.64 -11.06
N PRO B 56 21.13 6.54 -10.51
CA PRO B 56 22.44 6.91 -11.09
C PRO B 56 23.41 5.74 -11.00
N SER B 57 23.07 4.78 -10.17
CA SER B 57 23.86 3.56 -10.07
C SER B 57 24.08 2.97 -11.46
N LEU B 58 23.18 3.30 -12.39
CA LEU B 58 23.12 2.70 -13.72
C LEU B 58 23.90 3.42 -14.83
N ALA B 59 24.58 4.50 -14.53
CA ALA B 59 25.21 5.27 -15.60
C ALA B 59 26.58 4.70 -16.03
N LEU B 60 27.03 3.64 -15.36
CA LEU B 60 28.19 2.87 -15.81
C LEU B 60 27.79 1.38 -15.83
N LYS B 61 27.73 0.76 -17.00
CA LYS B 61 27.31 -0.64 -17.10
C LYS B 61 28.00 -1.43 -18.21
N PRO B 62 28.25 -2.74 -17.98
CA PRO B 62 27.98 -3.46 -16.73
C PRO B 62 29.10 -3.31 -15.72
N ASP B 74 23.60 -15.27 -22.81
CA ASP B 74 22.39 -15.70 -22.11
C ASP B 74 22.67 -16.28 -20.72
N PRO B 75 22.06 -15.68 -19.69
CA PRO B 75 22.13 -16.13 -18.29
C PRO B 75 21.30 -17.38 -18.03
N PHE B 76 20.22 -17.55 -18.79
CA PHE B 76 19.16 -18.48 -18.42
C PHE B 76 19.49 -19.94 -18.74
N ALA B 77 20.67 -20.16 -19.32
CA ALA B 77 21.13 -21.52 -19.59
C ALA B 77 21.36 -22.26 -18.28
N ASN B 78 22.20 -21.68 -17.43
CA ASN B 78 22.52 -22.26 -16.14
C ASN B 78 22.33 -21.23 -15.02
N PRO B 79 21.07 -21.01 -14.63
CA PRO B 79 20.64 -19.99 -13.66
C PRO B 79 21.09 -20.28 -12.22
N ASP B 80 21.53 -19.23 -11.52
CA ASP B 80 21.85 -19.34 -10.11
C ASP B 80 20.65 -19.96 -9.42
N GLU B 81 20.87 -20.99 -8.61
CA GLU B 81 19.77 -21.68 -7.97
C GLU B 81 19.19 -20.87 -6.81
N GLU B 82 19.85 -19.77 -6.46
CA GLU B 82 19.36 -18.88 -5.41
C GLU B 82 18.27 -17.97 -5.97
N LEU B 83 18.25 -17.81 -7.28
CA LEU B 83 17.27 -16.96 -7.94
C LEU B 83 16.08 -17.70 -8.52
N VAL B 84 16.08 -19.03 -8.45
CA VAL B 84 15.03 -19.78 -9.11
C VAL B 84 13.90 -20.05 -8.15
N VAL B 85 12.79 -19.35 -8.33
CA VAL B 85 11.64 -19.53 -7.45
C VAL B 85 11.02 -20.88 -7.78
N THR B 86 11.05 -21.24 -9.05
CA THR B 86 10.56 -22.54 -9.49
C THR B 86 11.27 -23.01 -10.75
N GLU B 87 11.50 -24.32 -10.84
CA GLU B 87 12.07 -24.94 -12.04
C GLU B 87 11.04 -25.18 -13.16
N ASP B 88 9.88 -25.75 -12.81
CA ASP B 88 8.76 -25.85 -13.73
C ASP B 88 7.54 -25.30 -13.02
N LEU B 89 7.04 -24.16 -13.49
CA LEU B 89 6.11 -23.38 -12.68
C LEU B 89 4.70 -23.95 -12.73
N ASN B 90 4.38 -24.51 -13.88
CA ASN B 90 3.14 -25.24 -14.08
C ASN B 90 3.39 -26.70 -13.75
N GLY B 91 2.45 -27.57 -14.09
CA GLY B 91 2.69 -28.99 -14.00
C GLY B 91 3.51 -29.44 -15.19
N ASP B 92 4.05 -28.49 -15.94
CA ASP B 92 4.74 -28.79 -17.19
C ASP B 92 6.20 -28.41 -17.12
N GLY B 93 6.98 -28.99 -18.02
CA GLY B 93 8.40 -28.71 -18.12
C GLY B 93 8.65 -27.51 -19.01
N GLU B 94 7.65 -26.64 -19.11
CA GLU B 94 7.73 -25.45 -19.97
C GLU B 94 8.32 -24.19 -19.31
N TYR B 95 7.65 -23.67 -18.28
CA TYR B 95 8.05 -22.40 -17.69
C TYR B 95 8.80 -22.51 -16.36
N LYS B 96 9.75 -21.61 -16.17
CA LYS B 96 10.41 -21.39 -14.90
C LYS B 96 10.27 -19.94 -14.47
N LEU B 97 10.17 -19.70 -13.17
CA LEU B 97 10.02 -18.34 -12.64
C LEU B 97 11.23 -17.90 -11.82
N LEU B 98 11.99 -16.95 -12.36
CA LEU B 98 13.22 -16.49 -11.73
C LEU B 98 12.97 -15.20 -10.97
N LEU B 99 14.04 -14.70 -10.36
CA LEU B 99 14.06 -13.35 -9.80
C LEU B 99 14.94 -12.50 -10.69
N ASN B 100 14.60 -11.23 -10.83
CA ASN B 100 15.48 -10.33 -11.55
C ASN B 100 16.73 -10.11 -10.69
N LYS B 101 17.90 -10.40 -11.24
CA LYS B 101 19.15 -10.26 -10.48
C LYS B 101 19.51 -8.80 -10.27
N PHE B 102 18.78 -7.93 -10.95
CA PHE B 102 19.04 -6.51 -10.89
C PHE B 102 17.75 -5.74 -10.85
N PRO B 103 16.96 -5.97 -9.80
CA PRO B 103 15.68 -5.27 -9.69
C PRO B 103 15.87 -3.83 -9.29
N VAL B 104 15.12 -2.95 -9.93
CA VAL B 104 14.90 -1.63 -9.38
C VAL B 104 13.75 -1.77 -8.42
N VAL B 105 12.72 -2.49 -8.86
CA VAL B 105 11.63 -2.82 -7.95
C VAL B 105 11.94 -4.13 -7.27
N PRO B 106 12.02 -4.09 -5.93
CA PRO B 106 12.19 -5.30 -5.15
C PRO B 106 11.19 -6.34 -5.60
N GLU B 107 11.61 -7.61 -5.62
CA GLU B 107 10.75 -8.76 -5.93
C GLU B 107 10.46 -8.94 -7.41
N HIS B 108 10.98 -8.02 -8.22
CA HIS B 108 10.86 -8.08 -9.67
C HIS B 108 11.40 -9.41 -10.23
N SER B 109 10.54 -10.14 -10.93
CA SER B 109 10.86 -11.49 -11.39
C SER B 109 10.58 -11.75 -12.88
N LEU B 110 10.77 -13.00 -13.30
CA LEU B 110 10.74 -13.32 -14.72
C LEU B 110 10.02 -14.62 -15.05
N LEU B 111 9.38 -14.65 -16.21
CA LEU B 111 8.78 -15.88 -16.72
C LEU B 111 9.62 -16.35 -17.90
N VAL B 112 10.37 -17.42 -17.70
CA VAL B 112 11.26 -17.88 -18.74
C VAL B 112 10.81 -19.21 -19.34
N THR B 113 10.83 -19.30 -20.67
CA THR B 113 10.62 -20.57 -21.35
C THR B 113 11.89 -21.39 -21.21
N SER B 114 11.77 -22.58 -20.64
CA SER B 114 12.92 -23.42 -20.37
C SER B 114 13.77 -23.64 -21.62
N GLU B 115 13.22 -24.34 -22.61
CA GLU B 115 13.89 -24.52 -23.89
C GLU B 115 14.04 -23.16 -24.58
N PHE B 116 15.10 -23.03 -25.37
CA PHE B 116 15.36 -21.77 -26.06
C PHE B 116 14.16 -21.35 -26.90
N LYS B 117 13.69 -20.13 -26.68
CA LYS B 117 12.64 -19.52 -27.50
C LYS B 117 13.01 -18.02 -27.62
N ASP B 118 12.88 -17.45 -28.80
CA ASP B 118 13.49 -16.13 -29.09
C ASP B 118 12.69 -14.91 -28.58
N GLN B 119 13.43 -13.85 -28.19
CA GLN B 119 12.86 -12.60 -27.69
C GLN B 119 12.04 -11.90 -28.77
N ARG B 120 12.12 -12.44 -29.98
CA ARG B 120 11.27 -12.07 -31.11
C ARG B 120 10.01 -12.94 -31.13
N SER B 121 10.19 -14.25 -31.17
CA SER B 121 9.02 -15.13 -31.30
C SER B 121 7.95 -14.64 -30.33
N ALA B 122 6.70 -14.62 -30.81
CA ALA B 122 5.64 -13.87 -30.17
C ALA B 122 5.09 -14.55 -28.92
N LEU B 123 4.15 -13.90 -28.25
CA LEU B 123 3.56 -14.49 -27.06
C LEU B 123 2.49 -15.52 -27.41
N THR B 124 2.72 -16.74 -26.93
CA THR B 124 1.75 -17.79 -27.02
C THR B 124 0.62 -17.40 -26.06
N PRO B 125 -0.54 -18.03 -26.20
CA PRO B 125 -1.63 -17.79 -25.25
C PRO B 125 -1.26 -18.44 -23.94
N SER B 126 -0.41 -19.46 -24.05
CA SER B 126 0.17 -20.10 -22.88
C SER B 126 1.00 -19.05 -22.15
N ASP B 127 1.88 -18.37 -22.88
CA ASP B 127 2.60 -17.24 -22.33
C ASP B 127 1.64 -16.36 -21.57
N LEU B 128 0.68 -15.81 -22.30
CA LEU B 128 -0.24 -14.86 -21.73
C LEU B 128 -0.87 -15.38 -20.44
N MET B 129 -1.63 -16.47 -20.56
CA MET B 129 -2.45 -16.93 -19.44
C MET B 129 -1.65 -17.13 -18.17
N THR B 130 -0.56 -17.91 -18.24
CA THR B 130 0.25 -18.12 -17.05
C THR B 130 0.65 -16.77 -16.50
N ALA B 131 1.26 -15.95 -17.34
CA ALA B 131 1.66 -14.62 -16.93
C ALA B 131 0.49 -13.99 -16.19
N TYR B 132 -0.71 -14.16 -16.72
CA TYR B 132 -1.89 -13.60 -16.06
C TYR B 132 -2.22 -14.33 -14.76
N ASN B 133 -2.01 -15.65 -14.74
CA ASN B 133 -2.23 -16.39 -13.52
C ASN B 133 -1.30 -15.90 -12.42
N VAL B 134 -0.09 -15.51 -12.83
CA VAL B 134 0.88 -14.93 -11.91
C VAL B 134 0.40 -13.59 -11.36
N LEU B 135 -0.23 -12.78 -12.21
CA LEU B 135 -0.77 -11.49 -11.79
C LEU B 135 -1.87 -11.69 -10.76
N CYS B 136 -2.59 -12.79 -10.89
CA CYS B 136 -3.67 -13.06 -9.96
C CYS B 136 -3.08 -13.61 -8.68
N SER B 137 -2.11 -14.50 -8.84
CA SER B 137 -1.42 -15.10 -7.70
C SER B 137 -0.79 -14.03 -6.79
N LEU B 138 -0.48 -12.86 -7.37
CA LEU B 138 0.16 -11.80 -6.61
C LEU B 138 -0.84 -10.81 -6.04
N GLN B 139 -2.09 -10.91 -6.44
CA GLN B 139 -3.09 -10.13 -5.76
C GLN B 139 -4.24 -11.04 -5.36
N GLY B 140 -4.36 -11.30 -4.06
CA GLY B 140 -5.56 -11.95 -3.56
C GLY B 140 -6.60 -11.03 -4.17
N ASP B 141 -7.77 -11.53 -4.52
CA ASP B 141 -8.61 -10.69 -5.38
C ASP B 141 -8.81 -9.32 -4.76
N LYS B 142 -8.49 -9.16 -3.47
CA LYS B 142 -8.38 -7.81 -2.96
C LYS B 142 -9.70 -7.12 -3.17
N ASP B 143 -9.84 -6.45 -4.30
CA ASP B 143 -10.82 -5.40 -4.47
C ASP B 143 -10.17 -4.05 -4.49
N ASP B 144 -8.84 -4.01 -4.57
CA ASP B 144 -8.30 -2.73 -4.96
C ASP B 144 -8.72 -1.86 -3.83
N ASP B 145 -9.84 -1.16 -4.00
CA ASP B 145 -10.26 -0.11 -3.09
C ASP B 145 -10.08 -0.55 -1.63
N VAL B 146 -9.68 -1.81 -1.45
CA VAL B 146 -8.97 -2.19 -0.22
C VAL B 146 -7.41 -2.02 -0.33
N THR B 147 -6.77 -2.69 -1.29
CA THR B 147 -5.30 -2.69 -1.48
C THR B 147 -4.71 -1.67 -2.48
N CYS B 148 -3.50 -1.19 -2.20
CA CYS B 148 -2.78 -0.29 -3.10
C CYS B 148 -1.79 -1.06 -3.95
N GLU B 149 -1.68 -2.33 -3.61
CA GLU B 149 -0.76 -3.25 -4.26
C GLU B 149 -1.26 -3.62 -5.67
N ARG B 150 -0.38 -3.48 -6.64
CA ARG B 150 -0.73 -3.70 -8.02
C ARG B 150 0.51 -4.12 -8.81
N TYR B 151 0.34 -5.07 -9.71
CA TYR B 151 1.48 -5.59 -10.43
C TYR B 151 1.33 -5.37 -11.93
N LEU B 152 2.45 -5.45 -12.63
CA LEU B 152 2.47 -5.27 -14.06
C LEU B 152 3.25 -6.37 -14.71
N VAL B 153 2.75 -6.83 -15.85
CA VAL B 153 3.49 -7.75 -16.67
C VAL B 153 3.86 -7.04 -17.97
N PHE B 154 5.10 -7.22 -18.42
CA PHE B 154 5.53 -6.64 -19.68
C PHE B 154 6.55 -7.47 -20.49
N TYR B 155 6.67 -7.17 -21.77
CA TYR B 155 7.52 -7.95 -22.67
C TYR B 155 8.17 -6.95 -23.58
N ASN B 156 9.50 -7.00 -23.66
CA ASN B 156 10.23 -6.09 -24.52
C ASN B 156 10.69 -6.95 -25.67
N CYS B 157 10.03 -6.80 -26.84
CA CYS B 157 10.24 -7.68 -27.98
C CYS B 157 10.93 -7.00 -29.16
N GLY B 158 12.04 -7.58 -29.60
CA GLY B 158 12.76 -7.08 -30.75
C GLY B 158 13.73 -5.97 -30.40
N PRO B 159 14.71 -5.72 -31.27
CA PRO B 159 15.84 -4.81 -31.04
C PRO B 159 15.48 -3.40 -30.54
N HIS B 160 14.33 -2.87 -30.92
CA HIS B 160 13.98 -1.49 -30.61
C HIS B 160 13.12 -1.29 -29.35
N SER B 161 12.83 -2.37 -28.64
CA SER B 161 11.86 -2.33 -27.56
C SER B 161 12.50 -2.08 -26.20
N GLY B 162 13.82 -1.95 -26.20
CA GLY B 162 14.57 -1.70 -24.98
C GLY B 162 15.21 -2.97 -24.48
N SER B 163 15.16 -4.00 -25.32
CA SER B 163 15.58 -5.33 -24.93
C SER B 163 17.10 -5.53 -25.00
N SER B 164 17.63 -6.21 -24.00
CA SER B 164 19.03 -6.62 -23.94
C SER B 164 19.11 -8.14 -24.10
N GLN B 165 18.46 -8.87 -23.19
CA GLN B 165 18.40 -10.33 -23.20
C GLN B 165 17.93 -10.92 -24.53
N ASP B 166 18.59 -11.99 -24.95
CA ASP B 166 18.22 -12.74 -26.14
C ASP B 166 17.06 -13.69 -25.84
N HIS B 167 17.07 -14.27 -24.65
CA HIS B 167 16.08 -15.27 -24.24
C HIS B 167 14.72 -14.64 -23.91
N LYS B 168 13.65 -15.23 -24.43
CA LYS B 168 12.31 -14.70 -24.26
C LYS B 168 11.90 -14.72 -22.80
N ALA B 169 11.60 -13.52 -22.27
CA ALA B 169 11.23 -13.36 -20.87
C ALA B 169 10.09 -12.36 -20.67
N LEU B 170 8.98 -12.82 -20.09
CA LEU B 170 7.93 -11.92 -19.66
C LEU B 170 8.30 -11.45 -18.25
N GLN B 171 8.01 -10.19 -17.96
CA GLN B 171 8.47 -9.57 -16.74
C GLN B 171 7.32 -9.08 -15.84
N ILE B 172 7.42 -9.38 -14.55
CA ILE B 172 6.39 -9.04 -13.59
C ILE B 172 6.96 -8.28 -12.41
N MET B 173 6.56 -7.02 -12.26
CA MET B 173 7.00 -6.25 -11.12
C MET B 173 5.88 -5.41 -10.54
N GLN B 174 5.99 -5.07 -9.26
CA GLN B 174 4.96 -4.26 -8.65
C GLN B 174 5.07 -2.85 -9.16
N MET B 175 3.93 -2.22 -9.40
CA MET B 175 3.87 -0.79 -9.74
C MET B 175 3.70 0.09 -8.50
N PRO B 176 4.06 1.38 -8.63
CA PRO B 176 4.02 2.25 -7.47
C PRO B 176 2.66 2.24 -6.80
N GLU B 177 2.60 2.52 -5.50
CA GLU B 177 1.35 2.43 -4.76
C GLU B 177 0.29 3.47 -5.12
N LYS B 178 0.72 4.70 -5.26
CA LYS B 178 -0.17 5.81 -5.59
C LYS B 178 -0.16 6.25 -7.06
N PHE B 179 0.53 5.52 -7.93
CA PHE B 179 0.61 5.91 -9.35
C PHE B 179 -0.50 5.34 -10.24
N ILE B 180 -1.13 6.22 -11.01
CA ILE B 180 -2.19 5.84 -11.94
C ILE B 180 -1.76 6.06 -13.37
N PRO B 181 -1.45 4.98 -14.10
CA PRO B 181 -1.04 5.14 -15.52
C PRO B 181 -2.26 5.55 -16.35
N PHE B 182 -2.06 6.22 -17.48
CA PHE B 182 -3.21 6.74 -18.25
C PHE B 182 -4.17 5.66 -18.73
N GLN B 183 -3.65 4.47 -18.99
CA GLN B 183 -4.49 3.36 -19.44
C GLN B 183 -5.66 3.16 -18.50
N ASP B 184 -5.49 3.53 -17.25
CA ASP B 184 -6.55 3.35 -16.28
C ASP B 184 -7.73 4.23 -16.64
N VAL B 185 -7.47 5.52 -16.85
CA VAL B 185 -8.58 6.41 -17.12
C VAL B 185 -9.16 6.09 -18.49
N LEU B 186 -8.30 5.61 -19.38
CA LEU B 186 -8.67 5.21 -20.72
C LEU B 186 -9.65 4.04 -20.73
N CYS B 187 -9.41 3.05 -19.86
CA CYS B 187 -10.27 1.90 -19.76
C CYS B 187 -11.29 2.08 -18.64
N ASN B 188 -11.26 3.24 -18.00
CA ASN B 188 -12.03 3.40 -16.77
C ASN B 188 -13.52 3.15 -16.94
N GLY B 189 -14.06 2.24 -16.14
CA GLY B 189 -15.48 1.95 -16.14
C GLY B 189 -15.97 1.27 -17.41
N LYS B 190 -15.04 0.94 -18.30
CA LYS B 190 -15.36 0.27 -19.56
C LYS B 190 -15.36 -1.25 -19.46
N ASP B 191 -16.30 -1.88 -20.16
CA ASP B 191 -16.42 -3.33 -20.21
C ASP B 191 -15.31 -3.94 -21.07
N HIS B 192 -14.94 -5.18 -20.78
CA HIS B 192 -14.02 -5.92 -21.62
C HIS B 192 -14.68 -6.28 -22.95
N PHE B 193 -13.99 -6.00 -24.05
CA PHE B 193 -14.51 -6.34 -25.38
C PHE B 193 -13.39 -6.73 -26.35
N LEU B 194 -13.79 -7.11 -27.58
CA LEU B 194 -12.84 -7.46 -28.63
C LEU B 194 -13.14 -6.66 -29.90
N PRO B 195 -12.08 -6.25 -30.63
CA PRO B 195 -12.10 -5.30 -31.75
C PRO B 195 -12.81 -5.79 -33.01
N THR B 196 -14.14 -5.72 -32.97
CA THR B 196 -15.00 -5.96 -34.12
C THR B 196 -15.15 -4.70 -34.99
N PHE B 197 -16.14 -4.71 -35.88
CA PHE B 197 -16.32 -3.61 -36.84
C PHE B 197 -16.98 -2.34 -36.29
N ASN B 198 -17.71 -2.46 -35.19
CA ASN B 198 -18.30 -1.29 -34.56
C ASN B 198 -17.38 -0.64 -33.52
N ALA B 199 -16.33 -1.37 -33.12
CA ALA B 199 -15.38 -0.86 -32.13
C ALA B 199 -13.99 -1.46 -32.32
N GLU B 200 -12.95 -0.65 -32.09
CA GLU B 200 -11.57 -1.16 -32.07
C GLU B 200 -10.87 -0.71 -30.77
N PRO B 201 -9.58 -1.09 -30.59
CA PRO B 201 -8.92 -0.83 -29.31
C PRO B 201 -8.82 0.65 -28.92
N LEU B 202 -8.96 0.91 -27.61
CA LEU B 202 -8.85 2.26 -27.06
C LEU B 202 -7.46 2.81 -27.25
N GLN B 203 -7.40 4.12 -27.47
CA GLN B 203 -6.15 4.85 -27.49
C GLN B 203 -6.38 6.19 -26.83
N ASP B 204 -5.48 6.60 -25.93
CA ASP B 204 -5.55 7.95 -25.41
C ASP B 204 -5.21 8.90 -26.55
N ASP B 205 -6.08 9.87 -26.80
CA ASP B 205 -5.93 10.79 -27.92
C ASP B 205 -4.95 11.92 -27.63
N LYS B 206 -4.67 12.13 -26.35
CA LYS B 206 -3.81 13.24 -25.92
C LYS B 206 -2.33 12.90 -26.04
N VAL B 207 -2.01 11.62 -26.13
CA VAL B 207 -0.62 11.21 -26.09
C VAL B 207 -0.03 11.03 -27.49
N SER B 208 1.24 11.36 -27.62
CA SER B 208 1.95 11.43 -28.90
C SER B 208 2.07 10.12 -29.70
N PHE B 209 2.42 9.04 -29.00
CA PHE B 209 2.70 7.75 -29.60
C PHE B 209 1.41 6.95 -29.84
N ALA B 210 1.46 6.07 -30.84
CA ALA B 210 0.38 5.10 -31.04
C ALA B 210 0.49 3.94 -30.04
N HIS B 211 -0.65 3.34 -29.74
CA HIS B 211 -0.71 2.32 -28.72
C HIS B 211 -2.15 1.82 -28.67
N PHE B 212 -2.35 0.64 -28.10
CA PHE B 212 -3.64 -0.02 -28.25
C PHE B 212 -4.05 -0.77 -27.00
N VAL B 213 -5.25 -0.49 -26.53
CA VAL B 213 -5.61 -0.96 -25.21
C VAL B 213 -6.92 -1.69 -25.17
N LEU B 214 -6.91 -2.86 -24.54
CA LEU B 214 -8.14 -3.61 -24.28
C LEU B 214 -8.45 -3.78 -22.81
N PRO B 215 -9.63 -3.30 -22.36
CA PRO B 215 -10.10 -3.54 -21.00
C PRO B 215 -10.15 -5.03 -20.75
N LEU B 216 -10.12 -5.44 -19.48
CA LEU B 216 -10.20 -6.85 -19.14
C LEU B 216 -11.32 -7.11 -18.13
N PRO B 217 -11.72 -8.39 -18.00
CA PRO B 217 -12.77 -8.79 -17.06
C PRO B 217 -12.35 -8.57 -15.61
N GLU B 218 -13.29 -8.11 -14.78
CA GLU B 218 -13.03 -7.85 -13.36
C GLU B 218 -12.77 -9.13 -12.54
N SER B 219 -13.01 -10.28 -13.17
CA SER B 219 -12.89 -11.56 -12.50
C SER B 219 -11.87 -12.48 -13.20
N SER B 220 -11.01 -13.10 -12.41
CA SER B 220 -10.10 -14.10 -12.93
C SER B 220 -10.96 -15.10 -13.68
N ASP B 221 -12.18 -15.26 -13.20
CA ASP B 221 -13.10 -16.28 -13.68
C ASP B 221 -13.44 -16.18 -15.16
N GLN B 222 -13.75 -14.98 -15.64
CA GLN B 222 -14.12 -14.82 -17.06
C GLN B 222 -12.90 -14.71 -17.98
N VAL B 223 -11.70 -14.73 -17.39
CA VAL B 223 -10.49 -14.69 -18.20
C VAL B 223 -9.99 -16.09 -18.52
N ASP B 224 -10.04 -16.44 -19.80
CA ASP B 224 -9.61 -17.75 -20.28
C ASP B 224 -8.51 -17.58 -21.30
N GLU B 225 -7.78 -18.66 -21.54
CA GLU B 225 -6.65 -18.66 -22.47
C GLU B 225 -7.07 -18.17 -23.85
N ASP B 226 -8.33 -18.44 -24.23
CA ASP B 226 -8.89 -17.98 -25.49
C ASP B 226 -8.93 -16.46 -25.52
N LEU B 227 -9.26 -15.88 -24.37
CA LEU B 227 -9.50 -14.44 -24.23
C LEU B 227 -8.24 -13.58 -24.38
N LEU B 228 -7.21 -13.89 -23.61
CA LEU B 228 -5.96 -13.13 -23.73
C LEU B 228 -5.49 -13.21 -25.17
N ALA B 229 -5.55 -14.42 -25.73
CA ALA B 229 -5.14 -14.64 -27.12
C ALA B 229 -5.94 -13.79 -28.10
N MET B 230 -7.25 -13.69 -27.89
CA MET B 230 -8.07 -12.82 -28.71
C MET B 230 -7.49 -11.41 -28.66
N CYS B 231 -7.44 -10.85 -27.46
CA CYS B 231 -6.99 -9.48 -27.27
C CYS B 231 -5.61 -9.25 -27.87
N TYR B 232 -4.63 -10.01 -27.40
CA TYR B 232 -3.26 -9.83 -27.85
C TYR B 232 -3.14 -9.74 -29.37
N VAL B 233 -3.41 -10.86 -30.04
CA VAL B 233 -3.30 -10.95 -31.49
C VAL B 233 -4.04 -9.80 -32.17
N SER B 234 -5.17 -9.41 -31.59
CA SER B 234 -5.96 -8.30 -32.11
C SER B 234 -5.23 -6.96 -32.03
N LEU B 235 -4.66 -6.65 -30.86
CA LEU B 235 -3.87 -5.45 -30.69
C LEU B 235 -2.57 -5.56 -31.47
N MET B 236 -2.12 -6.80 -31.63
CA MET B 236 -0.93 -7.08 -32.43
C MET B 236 -1.20 -6.77 -33.88
N GLN B 237 -2.47 -6.86 -34.26
CA GLN B 237 -2.89 -6.47 -35.60
C GLN B 237 -2.54 -5.00 -35.81
N ARG B 238 -3.16 -4.12 -35.01
CA ARG B 238 -2.94 -2.69 -35.18
C ARG B 238 -1.47 -2.30 -35.07
N ALA B 239 -0.70 -3.08 -34.32
CA ALA B 239 0.71 -2.74 -34.06
C ALA B 239 1.62 -3.04 -35.25
N LEU B 240 1.32 -4.11 -35.98
CA LEU B 240 2.13 -4.54 -37.12
C LEU B 240 2.02 -3.60 -38.33
N THR B 241 0.98 -2.77 -38.34
CA THR B 241 0.71 -1.89 -39.47
C THR B 241 1.88 -0.92 -39.63
N PHE B 242 2.76 -0.94 -38.65
CA PHE B 242 3.86 -0.01 -38.60
C PHE B 242 5.13 -0.62 -39.19
N PHE B 243 5.04 -1.85 -39.69
CA PHE B 243 6.19 -2.47 -40.34
C PHE B 243 5.92 -2.84 -41.79
N THR B 254 12.82 -3.45 -37.86
CA THR B 254 12.77 -4.91 -37.78
C THR B 254 11.94 -5.40 -36.58
N LYS B 255 10.62 -5.39 -36.74
CA LYS B 255 9.68 -5.76 -35.67
C LYS B 255 9.73 -4.82 -34.44
N SER B 256 9.95 -5.37 -33.25
CA SER B 256 10.01 -4.52 -32.05
C SER B 256 8.76 -3.76 -31.57
N TYR B 257 7.94 -4.41 -30.76
CA TYR B 257 6.86 -3.74 -30.00
C TYR B 257 6.99 -3.97 -28.48
N ASN B 258 6.24 -3.20 -27.69
CA ASN B 258 6.10 -3.43 -26.23
C ASN B 258 4.73 -3.97 -25.81
N VAL B 259 4.70 -4.93 -24.90
CA VAL B 259 3.43 -5.43 -24.41
C VAL B 259 3.28 -5.21 -22.93
N LEU B 260 2.20 -4.53 -22.56
CA LEU B 260 1.95 -4.24 -21.17
C LEU B 260 0.65 -4.92 -20.80
N LEU B 261 0.72 -5.81 -19.82
CA LEU B 261 -0.49 -6.44 -19.32
C LEU B 261 -0.60 -6.24 -17.82
N THR B 262 -1.72 -5.66 -17.40
CA THR B 262 -2.07 -5.64 -16.00
C THR B 262 -3.38 -6.38 -15.86
N LYS B 263 -3.87 -6.46 -14.63
CA LYS B 263 -5.13 -7.12 -14.32
C LYS B 263 -6.30 -6.43 -15.04
N LYS B 264 -6.31 -5.11 -15.05
CA LYS B 264 -7.42 -4.32 -15.58
C LYS B 264 -7.45 -4.09 -17.11
N TRP B 265 -6.38 -4.44 -17.81
CA TRP B 265 -6.26 -4.15 -19.23
C TRP B 265 -4.99 -4.69 -19.86
N ILE B 266 -4.96 -4.71 -21.17
CA ILE B 266 -3.80 -5.16 -21.92
C ILE B 266 -3.50 -4.19 -23.05
N CYS B 267 -2.21 -4.01 -23.34
CA CYS B 267 -1.77 -2.90 -24.16
C CYS B 267 -0.61 -3.28 -25.05
N VAL B 268 -0.68 -2.88 -26.31
CA VAL B 268 0.42 -3.12 -27.23
C VAL B 268 0.86 -1.81 -27.83
N VAL B 269 2.17 -1.66 -28.00
CA VAL B 269 2.76 -0.46 -28.58
C VAL B 269 3.85 -0.82 -29.58
N PRO B 270 3.85 -0.16 -30.74
CA PRO B 270 4.94 -0.29 -31.71
C PRO B 270 6.12 0.55 -31.26
N ARG B 271 7.34 0.13 -31.59
CA ARG B 271 8.53 0.87 -31.19
C ARG B 271 9.55 1.03 -32.31
N SER B 272 9.91 2.29 -32.57
CA SER B 272 10.91 2.64 -33.56
C SER B 272 12.36 2.56 -33.07
N HIS B 273 12.63 3.03 -31.86
CA HIS B 273 14.00 3.01 -31.34
C HIS B 273 14.01 2.71 -29.88
N ALA B 274 15.02 1.98 -29.43
CA ALA B 274 15.16 1.61 -28.03
C ALA B 274 15.59 2.80 -27.17
N LYS B 275 16.15 3.82 -27.81
CA LYS B 275 16.71 4.97 -27.11
C LYS B 275 16.09 6.27 -27.61
N SER B 276 15.83 7.18 -26.66
CA SER B 276 15.11 8.43 -26.93
C SER B 276 15.90 9.39 -27.82
N GLY B 277 15.18 10.34 -28.40
CA GLY B 277 15.80 11.40 -29.19
C GLY B 277 16.68 12.30 -28.35
N PRO B 278 17.59 13.05 -29.02
CA PRO B 278 18.64 13.86 -28.40
C PRO B 278 18.21 14.76 -27.25
N PRO B 279 16.99 15.35 -27.31
CA PRO B 279 16.61 16.22 -26.19
C PRO B 279 16.73 15.54 -24.82
N LEU B 280 16.63 14.21 -24.79
CA LEU B 280 16.66 13.41 -23.57
C LEU B 280 17.66 12.24 -23.61
N MET B 281 17.51 11.38 -24.62
CA MET B 281 18.37 10.21 -24.78
C MET B 281 18.15 9.13 -23.73
N LEU B 282 16.89 8.88 -23.40
CA LEU B 282 16.50 7.84 -22.45
C LEU B 282 16.51 6.46 -23.09
N ASN B 283 16.86 5.45 -22.29
CA ASN B 283 16.65 4.09 -22.70
C ASN B 283 15.28 3.75 -22.20
N ILE B 284 14.40 3.30 -23.10
CA ILE B 284 13.05 2.97 -22.68
C ILE B 284 12.65 1.54 -22.98
N ASN B 285 11.82 0.98 -22.09
CA ASN B 285 11.24 -0.34 -22.31
C ASN B 285 9.74 -0.28 -21.95
N SER B 286 9.06 -1.42 -21.90
CA SER B 286 7.59 -1.38 -21.79
C SER B 286 7.13 -0.37 -20.74
N THR B 287 7.84 -0.30 -19.61
CA THR B 287 7.41 0.53 -18.49
C THR B 287 7.20 1.97 -18.91
N GLY B 288 8.02 2.43 -19.84
CA GLY B 288 7.91 3.79 -20.31
C GLY B 288 6.46 4.09 -20.66
N TYR B 289 5.80 3.13 -21.28
CA TYR B 289 4.54 3.43 -21.92
C TYR B 289 3.28 3.36 -21.05
N CYS B 290 3.44 3.03 -19.77
CA CYS B 290 2.41 3.37 -18.79
C CYS B 290 2.82 4.64 -18.02
N GLY B 291 3.92 5.25 -18.45
CA GLY B 291 4.41 6.49 -17.86
C GLY B 291 5.55 6.31 -16.86
N MET B 292 6.05 5.10 -16.71
CA MET B 292 7.09 4.88 -15.73
C MET B 292 8.45 5.04 -16.39
N ILE B 293 9.12 6.16 -16.07
CA ILE B 293 10.38 6.53 -16.68
C ILE B 293 11.57 6.20 -15.79
N LEU B 294 12.61 5.66 -16.39
CA LEU B 294 13.81 5.35 -15.66
C LEU B 294 14.95 6.25 -16.15
N VAL B 295 15.50 7.07 -15.26
CA VAL B 295 16.65 7.93 -15.62
C VAL B 295 17.92 7.65 -14.82
N LYS B 296 19.03 7.60 -15.55
CA LYS B 296 20.36 7.36 -15.01
C LYS B 296 21.18 8.64 -14.86
N ASP B 297 20.63 9.78 -15.27
CA ASP B 297 21.40 11.04 -15.37
C ASP B 297 20.79 12.24 -14.62
N ARG B 298 21.55 12.79 -13.67
CA ARG B 298 21.07 13.87 -12.79
C ARG B 298 20.63 15.11 -13.56
N GLU B 299 21.36 15.45 -14.61
CA GLU B 299 20.99 16.57 -15.47
C GLU B 299 19.65 16.33 -16.18
N LYS B 300 19.56 15.23 -16.93
CA LYS B 300 18.35 14.92 -17.68
C LYS B 300 17.11 14.94 -16.78
N LEU B 301 17.29 14.48 -15.55
CA LEU B 301 16.21 14.46 -14.57
C LEU B 301 15.67 15.85 -14.30
N GLU B 302 16.58 16.81 -14.21
CA GLU B 302 16.19 18.19 -13.97
C GLU B 302 15.43 18.74 -15.16
N ASN B 303 15.81 18.30 -16.36
CA ASN B 303 15.07 18.64 -17.57
C ASN B 303 13.62 18.12 -17.57
N LEU B 304 13.46 16.80 -17.47
CA LEU B 304 12.14 16.17 -17.45
C LEU B 304 11.30 16.91 -16.45
N THR B 305 11.93 17.24 -15.33
CA THR B 305 11.22 17.82 -14.23
C THR B 305 10.77 19.25 -14.57
N GLU B 306 11.60 19.98 -15.30
CA GLU B 306 11.24 21.34 -15.70
C GLU B 306 10.07 21.30 -16.69
N ASP B 307 10.20 20.45 -17.69
CA ASP B 307 9.19 20.28 -18.73
C ASP B 307 8.83 18.79 -18.85
N PRO B 308 7.93 18.31 -17.97
CA PRO B 308 7.59 16.88 -17.94
C PRO B 308 7.04 16.40 -19.28
N HIS B 309 6.52 17.33 -20.06
CA HIS B 309 6.02 17.05 -21.41
C HIS B 309 7.09 16.43 -22.30
N LEU B 310 8.35 16.82 -22.11
CA LEU B 310 9.47 16.27 -22.89
C LEU B 310 9.48 14.76 -22.83
N VAL B 311 8.90 14.20 -21.77
CA VAL B 311 8.79 12.75 -21.67
C VAL B 311 7.86 12.26 -22.77
N ASP B 312 6.71 12.91 -22.87
CA ASP B 312 5.74 12.62 -23.91
C ASP B 312 6.37 12.56 -25.31
N LYS B 313 7.13 13.58 -25.67
CA LYS B 313 7.79 13.57 -26.97
C LYS B 313 8.82 12.44 -27.07
N SER B 314 9.59 12.23 -26.01
CA SER B 314 10.55 11.13 -25.98
C SER B 314 9.86 9.81 -26.32
N LEU B 315 8.64 9.65 -25.83
CA LEU B 315 7.85 8.44 -26.11
C LEU B 315 7.52 8.27 -27.60
N LEU B 316 7.34 9.40 -28.29
CA LEU B 316 7.12 9.35 -29.73
C LEU B 316 8.44 9.05 -30.42
N GLN B 317 9.53 9.59 -29.87
CA GLN B 317 10.85 9.38 -30.44
C GLN B 317 11.20 7.89 -30.54
N CYS B 318 10.75 7.10 -29.56
CA CYS B 318 10.90 5.65 -29.64
C CYS B 318 9.68 4.94 -30.25
N GLY B 319 8.56 5.66 -30.32
CA GLY B 319 7.31 5.07 -30.79
C GLY B 319 6.95 5.48 -32.21
N PHE B 320 5.66 5.62 -32.45
CA PHE B 320 5.19 6.07 -33.75
C PHE B 320 4.10 7.11 -33.57
N PRO B 321 3.91 7.96 -34.58
CA PRO B 321 2.86 8.97 -34.50
C PRO B 321 1.55 8.33 -34.08
N ASN B 322 0.88 8.93 -33.10
CA ASN B 322 -0.42 8.45 -32.69
C ASN B 322 -1.42 8.71 -33.79
N THR B 323 -2.52 7.98 -33.75
CA THR B 323 -3.55 8.12 -34.77
C THR B 323 -4.94 8.10 -34.14
N ALA B 324 -5.70 9.17 -34.34
CA ALA B 324 -7.04 9.29 -33.77
C ALA B 324 -7.99 10.04 -34.70
#